data_5C6R
#
_entry.id   5C6R
#
_cell.length_a   48.120
_cell.length_b   48.120
_cell.length_c   111.333
_cell.angle_alpha   90.00
_cell.angle_beta   90.00
_cell.angle_gamma   90.00
#
_symmetry.space_group_name_H-M   'P 43'
#
loop_
_entity.id
_entity.type
_entity.pdbx_description
1 polymer Arf-GAP
2 non-polymer 'PHOSPHATE ION'
3 non-polymer 'TRIETHYLENE GLYCOL'
4 water water
#
_entity_poly.entity_id   1
_entity_poly.type   'polypeptide(L)'
_entity_poly.pdbx_seq_one_letter_code
;MGHHHHHHHHHHSSGHIDDDKHMGGYSMHQLQGNKEYGSEKKGFLLKKSDGIRKVWQRRKCAVKNGILTISHATSNRQPA
KLNLLTCQVKPNAEDKKSFDLISHNRTYHFQAEDEQDYIAWISVLTNSKEEALTMAFRGEQSTGENSLED
;
_entity_poly.pdbx_strand_id   A,B
#
# COMPACT_ATOMS: atom_id res chain seq x y z
N GLN A 30 -7.74 17.20 -2.21
CA GLN A 30 -6.47 16.58 -1.69
C GLN A 30 -6.24 15.19 -2.28
N LEU A 31 -5.19 15.07 -3.10
CA LEU A 31 -5.02 13.92 -3.99
C LEU A 31 -4.04 12.86 -3.46
N GLN A 32 -4.38 11.60 -3.69
CA GLN A 32 -3.55 10.42 -3.42
C GLN A 32 -2.66 10.13 -4.66
N GLY A 33 -1.61 9.33 -4.40
CA GLY A 33 -0.65 8.85 -5.37
C GLY A 33 0.71 9.04 -4.80
N ASN A 34 1.67 9.34 -5.70
CA ASN A 34 3.04 9.54 -5.32
C ASN A 34 3.82 10.28 -6.40
N LYS A 35 4.26 11.44 -6.07
CA LYS A 35 4.88 12.29 -7.10
C LYS A 35 6.25 11.84 -7.61
N GLU A 36 6.83 10.83 -6.98
CA GLU A 36 8.11 10.25 -7.39
C GLU A 36 7.88 9.61 -8.78
N TYR A 37 6.63 9.32 -9.14
CA TYR A 37 6.28 8.63 -10.42
C TYR A 37 5.34 9.44 -11.21
N GLY A 38 5.22 9.08 -12.49
CA GLY A 38 4.36 9.78 -13.42
C GLY A 38 2.96 9.17 -13.41
N SER A 39 2.22 9.51 -14.46
CA SER A 39 0.85 8.97 -14.67
C SER A 39 0.77 8.10 -15.94
N GLU A 40 1.88 7.75 -16.57
CA GLU A 40 1.93 6.83 -17.66
C GLU A 40 3.04 5.85 -17.46
N LYS A 41 2.81 4.61 -17.89
CA LYS A 41 3.81 3.53 -17.77
C LYS A 41 3.47 2.45 -18.77
N LYS A 42 4.51 1.85 -19.35
CA LYS A 42 4.34 0.64 -20.16
C LYS A 42 5.23 -0.42 -19.57
N GLY A 43 4.77 -1.62 -19.45
CA GLY A 43 5.64 -2.68 -18.97
C GLY A 43 4.95 -4.00 -18.92
N PHE A 44 5.43 -4.91 -18.09
CA PHE A 44 4.89 -6.24 -17.97
C PHE A 44 4.35 -6.38 -16.62
N LEU A 45 3.27 -7.14 -16.52
CA LEU A 45 2.80 -7.55 -15.23
C LEU A 45 2.46 -9.00 -15.38
N LEU A 46 2.54 -9.73 -14.27
CA LEU A 46 1.97 -11.06 -14.20
C LEU A 46 0.50 -10.94 -13.82
N LYS A 47 -0.36 -11.71 -14.51
CA LYS A 47 -1.76 -11.74 -14.19
C LYS A 47 -2.17 -13.18 -13.97
N LYS A 48 -2.96 -13.39 -12.92
CA LYS A 48 -3.44 -14.74 -12.61
C LYS A 48 -4.58 -15.04 -13.57
N SER A 49 -4.52 -16.19 -14.22
CA SER A 49 -5.58 -16.53 -15.19
C SER A 49 -6.86 -16.86 -14.43
N ASP A 50 -7.99 -16.71 -15.11
CA ASP A 50 -9.29 -16.98 -14.48
C ASP A 50 -9.51 -18.49 -14.23
N GLY A 51 -9.17 -19.30 -15.25
CA GLY A 51 -9.79 -20.59 -15.50
C GLY A 51 -9.01 -21.90 -15.36
N ILE A 52 -7.84 -21.92 -16.00
CA ILE A 52 -6.99 -23.14 -16.19
C ILE A 52 -6.07 -23.46 -14.98
N ARG A 53 -6.66 -23.80 -13.83
CA ARG A 53 -5.90 -23.96 -12.57
C ARG A 53 -5.28 -22.62 -12.24
N LYS A 54 -5.89 -21.53 -12.72
CA LYS A 54 -5.51 -20.20 -12.32
C LYS A 54 -4.00 -19.94 -12.31
N VAL A 55 -3.36 -20.10 -13.46
CA VAL A 55 -1.90 -19.96 -13.51
C VAL A 55 -1.53 -18.48 -13.73
N TRP A 56 -0.37 -18.10 -13.20
CA TRP A 56 0.20 -16.80 -13.46
C TRP A 56 0.82 -16.71 -14.86
N GLN A 57 0.56 -15.60 -15.57
CA GLN A 57 1.04 -15.41 -16.94
C GLN A 57 1.49 -14.00 -17.16
N ARG A 58 2.57 -13.82 -17.90
CA ARG A 58 3.13 -12.52 -18.12
C ARG A 58 2.38 -11.79 -19.23
N ARG A 59 1.88 -10.58 -18.97
CA ARG A 59 1.17 -9.77 -19.97
C ARG A 59 1.79 -8.37 -20.17
N LYS A 60 1.65 -7.82 -21.35
CA LYS A 60 2.08 -6.46 -21.64
C LYS A 60 0.94 -5.56 -21.21
N CYS A 61 1.29 -4.50 -20.46
CA CYS A 61 0.31 -3.60 -19.85
C CYS A 61 0.77 -2.14 -20.05
N ALA A 62 -0.18 -1.23 -20.15
CA ALA A 62 0.16 0.20 -20.34
C ALA A 62 -0.90 1.01 -19.67
N VAL A 63 -0.52 2.12 -19.01
CA VAL A 63 -1.43 3.07 -18.41
C VAL A 63 -1.23 4.40 -19.05
N LYS A 64 -2.31 5.04 -19.46
CA LYS A 64 -2.22 6.37 -20.08
C LYS A 64 -3.62 6.92 -20.05
N ASN A 65 -3.77 8.23 -19.76
CA ASN A 65 -5.08 8.87 -19.75
C ASN A 65 -6.13 8.19 -18.84
N GLY A 66 -5.73 7.68 -17.70
CA GLY A 66 -6.63 6.99 -16.74
C GLY A 66 -7.20 5.67 -17.26
N ILE A 67 -6.53 5.09 -18.22
CA ILE A 67 -6.89 3.80 -18.83
C ILE A 67 -5.73 2.79 -18.69
N LEU A 68 -6.06 1.62 -18.20
CA LEU A 68 -5.16 0.53 -18.21
C LEU A 68 -5.50 -0.49 -19.29
N THR A 69 -4.54 -0.80 -20.15
CA THR A 69 -4.70 -1.77 -21.23
C THR A 69 -3.86 -2.98 -20.85
N ILE A 70 -4.45 -4.14 -20.91
CA ILE A 70 -3.77 -5.40 -20.53
C ILE A 70 -3.90 -6.38 -21.65
N SER A 71 -2.79 -6.89 -22.16
CA SER A 71 -2.87 -7.87 -23.25
C SER A 71 -3.54 -9.18 -22.73
N HIS A 72 -4.16 -9.90 -23.64
CA HIS A 72 -4.66 -11.25 -23.35
C HIS A 72 -3.56 -12.28 -23.65
N ALA A 73 -3.87 -13.57 -23.50
CA ALA A 73 -3.23 -14.62 -24.29
C ALA A 73 -4.24 -15.11 -25.33
N THR A 74 -3.95 -15.00 -26.63
CA THR A 74 -2.88 -14.13 -27.19
C THR A 74 -3.46 -13.50 -28.42
N SER A 75 -3.07 -12.25 -28.69
CA SER A 75 -3.62 -11.56 -29.86
C SER A 75 -3.39 -12.39 -31.13
N ASN A 76 -4.41 -12.75 -31.93
CA ASN A 76 -5.88 -12.68 -31.71
C ASN A 76 -6.46 -11.41 -31.06
N ARG A 77 -6.75 -11.46 -29.75
CA ARG A 77 -7.74 -10.57 -29.15
C ARG A 77 -7.17 -9.20 -28.90
N GLN A 78 -8.04 -8.21 -29.06
CA GLN A 78 -7.77 -6.85 -28.63
C GLN A 78 -7.55 -6.83 -27.10
N PRO A 79 -6.54 -6.05 -26.62
CA PRO A 79 -6.32 -5.97 -25.18
C PRO A 79 -7.53 -5.49 -24.38
N ALA A 80 -7.65 -5.97 -23.15
CA ALA A 80 -8.64 -5.48 -22.21
C ALA A 80 -8.34 -4.05 -21.89
N LYS A 81 -9.35 -3.24 -21.70
CA LYS A 81 -9.20 -1.83 -21.40
C LYS A 81 -10.08 -1.54 -20.19
N LEU A 82 -9.47 -0.99 -19.14
CA LEU A 82 -10.12 -0.67 -17.89
C LEU A 82 -10.03 0.80 -17.66
N ASN A 83 -11.16 1.40 -17.33
CA ASN A 83 -11.19 2.80 -16.98
C ASN A 83 -10.86 2.93 -15.48
N LEU A 84 -9.71 3.47 -15.17
CA LEU A 84 -9.24 3.49 -13.78
C LEU A 84 -10.15 4.33 -12.88
N LEU A 85 -10.90 5.28 -13.46
CA LEU A 85 -11.82 6.08 -12.71
C LEU A 85 -12.95 5.27 -12.13
N THR A 86 -13.22 4.12 -12.71
CA THR A 86 -14.22 3.23 -12.20
C THR A 86 -13.68 1.94 -11.50
N CYS A 87 -12.39 1.91 -11.16
CA CYS A 87 -11.69 0.80 -10.57
C CYS A 87 -11.07 1.19 -9.24
N GLN A 88 -10.92 0.19 -8.38
CA GLN A 88 -10.18 0.33 -7.13
C GLN A 88 -8.86 -0.43 -7.27
N VAL A 89 -7.78 0.18 -6.83
CA VAL A 89 -6.47 -0.44 -6.78
C VAL A 89 -6.31 -0.92 -5.32
N LYS A 90 -6.06 -2.20 -5.11
CA LYS A 90 -6.04 -2.76 -3.79
C LYS A 90 -4.81 -3.64 -3.64
N PRO A 91 -3.79 -3.18 -2.86
CA PRO A 91 -2.63 -4.05 -2.60
C PRO A 91 -3.09 -5.37 -1.98
N ASN A 92 -2.39 -6.44 -2.30
CA ASN A 92 -2.73 -7.77 -1.85
C ASN A 92 -2.04 -8.06 -0.52
N ALA A 93 -2.78 -8.50 0.47
CA ALA A 93 -2.24 -8.65 1.85
C ALA A 93 -1.29 -9.85 2.09
N GLU A 94 -1.21 -10.75 1.13
CA GLU A 94 -0.45 -12.01 1.25
C GLU A 94 0.79 -12.10 0.39
N ASP A 95 1.01 -11.22 -0.61
CA ASP A 95 2.27 -11.26 -1.35
C ASP A 95 2.75 -9.84 -1.58
N LYS A 96 4.02 -9.65 -1.26
CA LYS A 96 4.59 -8.31 -1.22
C LYS A 96 4.51 -7.59 -2.55
N LYS A 97 4.51 -8.34 -3.64
CA LYS A 97 4.53 -7.72 -4.99
C LYS A 97 3.16 -7.74 -5.71
N SER A 98 2.11 -8.15 -5.01
CA SER A 98 0.84 -8.36 -5.60
C SER A 98 -0.13 -7.26 -5.30
N PHE A 99 -1.02 -7.00 -6.27
CA PHE A 99 -2.15 -6.08 -6.09
C PHE A 99 -3.29 -6.52 -6.99
N ASP A 100 -4.47 -6.06 -6.64
CA ASP A 100 -5.67 -6.34 -7.39
C ASP A 100 -6.22 -5.05 -7.97
N LEU A 101 -6.88 -5.16 -9.10
CA LEU A 101 -7.73 -4.08 -9.64
C LEU A 101 -9.13 -4.59 -9.64
N ILE A 102 -10.00 -3.84 -8.98
CA ILE A 102 -11.35 -4.25 -8.79
C ILE A 102 -12.20 -3.29 -9.62
N SER A 103 -12.82 -3.81 -10.69
CA SER A 103 -13.83 -3.03 -11.49
C SER A 103 -15.21 -3.35 -10.93
N HIS A 104 -16.26 -2.72 -11.49
CA HIS A 104 -17.63 -2.96 -11.03
CA HIS A 104 -17.65 -2.96 -11.06
C HIS A 104 -17.97 -4.45 -11.10
N ASN A 105 -17.34 -5.09 -12.05
CA ASN A 105 -17.68 -6.33 -12.60
C ASN A 105 -16.78 -7.48 -12.21
N ARG A 106 -15.50 -7.19 -11.97
CA ARG A 106 -14.44 -8.17 -12.10
C ARG A 106 -13.28 -7.77 -11.21
N THR A 107 -12.55 -8.77 -10.68
CA THR A 107 -11.30 -8.56 -9.97
C THR A 107 -10.13 -9.14 -10.78
N TYR A 108 -9.10 -8.32 -11.01
CA TYR A 108 -7.93 -8.72 -11.75
C TYR A 108 -6.85 -8.87 -10.70
N HIS A 109 -6.15 -9.99 -10.68
CA HIS A 109 -5.04 -10.20 -9.73
C HIS A 109 -3.76 -10.06 -10.48
N PHE A 110 -2.93 -9.11 -10.06
CA PHE A 110 -1.64 -8.86 -10.66
C PHE A 110 -0.47 -9.09 -9.69
N GLN A 111 0.71 -9.37 -10.25
CA GLN A 111 1.94 -9.39 -9.53
C GLN A 111 2.99 -8.70 -10.33
N ALA A 112 3.66 -7.74 -9.72
CA ALA A 112 4.79 -7.07 -10.35
C ALA A 112 5.98 -8.00 -10.33
N GLU A 113 6.93 -7.75 -11.20
CA GLU A 113 8.11 -8.59 -11.29
C GLU A 113 9.17 -8.33 -10.23
N ASP A 114 9.14 -7.18 -9.58
CA ASP A 114 10.00 -6.98 -8.42
C ASP A 114 9.46 -5.87 -7.57
N GLU A 115 10.07 -5.65 -6.43
CA GLU A 115 9.47 -4.75 -5.46
C GLU A 115 9.51 -3.31 -5.95
N GLN A 116 10.57 -2.94 -6.64
CA GLN A 116 10.65 -1.60 -7.24
C GLN A 116 9.53 -1.36 -8.28
N ASP A 117 9.30 -2.38 -9.10
CA ASP A 117 8.25 -2.33 -10.12
C ASP A 117 6.86 -2.29 -9.45
N TYR A 118 6.72 -2.96 -8.32
CA TYR A 118 5.49 -2.92 -7.55
C TYR A 118 5.14 -1.51 -7.15
N ILE A 119 6.09 -0.84 -6.57
CA ILE A 119 5.78 0.55 -6.12
C ILE A 119 5.49 1.49 -7.31
N ALA A 120 6.23 1.30 -8.38
CA ALA A 120 5.99 2.05 -9.61
C ALA A 120 4.58 1.83 -10.15
N TRP A 121 4.16 0.55 -10.30
CA TRP A 121 2.80 0.31 -10.83
C TRP A 121 1.74 0.87 -9.91
N ILE A 122 1.77 0.63 -8.60
CA ILE A 122 0.68 1.15 -7.76
C ILE A 122 0.62 2.67 -7.73
N SER A 123 1.81 3.26 -7.76
CA SER A 123 1.92 4.68 -7.83
C SER A 123 1.40 5.27 -9.15
N VAL A 124 1.83 4.73 -10.30
CA VAL A 124 1.37 5.23 -11.61
C VAL A 124 -0.13 5.03 -11.79
N LEU A 125 -0.63 3.87 -11.37
CA LEU A 125 -2.07 3.63 -11.46
C LEU A 125 -2.87 4.63 -10.65
N THR A 126 -2.46 4.87 -9.43
CA THR A 126 -3.14 5.84 -8.60
C THR A 126 -2.99 7.25 -9.14
N ASN A 127 -1.79 7.62 -9.56
CA ASN A 127 -1.60 8.95 -10.18
C ASN A 127 -2.46 9.18 -11.43
N SER A 128 -2.47 8.19 -12.29
CA SER A 128 -3.29 8.28 -13.50
C SER A 128 -4.79 8.47 -13.16
N LYS A 129 -5.28 7.70 -12.18
CA LYS A 129 -6.64 7.83 -11.67
C LYS A 129 -6.92 9.23 -11.13
N GLU A 130 -6.03 9.71 -10.27
CA GLU A 130 -6.20 11.02 -9.65
C GLU A 130 -6.12 12.17 -10.63
N GLU A 131 -5.20 12.09 -11.56
CA GLU A 131 -5.17 13.12 -12.61
C GLU A 131 -6.49 13.21 -13.38
N ALA A 132 -6.93 12.05 -13.83
CA ALA A 132 -8.15 11.95 -14.60
C ALA A 132 -9.34 12.43 -13.75
N LEU A 133 -9.44 12.00 -12.49
CA LEU A 133 -10.52 12.48 -11.62
C LEU A 133 -10.58 13.95 -11.48
N THR A 134 -9.41 14.54 -11.39
CA THR A 134 -9.31 16.00 -11.34
C THR A 134 -9.89 16.67 -12.59
N MET A 135 -9.53 16.15 -13.76
CA MET A 135 -10.15 16.63 -15.00
C MET A 135 -11.66 16.40 -15.04
N ALA A 136 -12.14 15.22 -14.68
CA ALA A 136 -13.55 14.91 -14.71
C ALA A 136 -14.37 15.80 -13.77
N PHE A 137 -13.89 15.97 -12.54
CA PHE A 137 -14.62 16.76 -11.58
C PHE A 137 -14.34 18.27 -11.73
N ARG A 138 -13.37 18.67 -12.56
CA ARG A 138 -13.29 20.07 -13.02
C ARG A 138 -14.45 20.36 -14.01
N GLY A 139 -14.85 19.36 -14.82
CA GLY A 139 -15.98 19.52 -15.74
C GLY A 139 -17.23 18.77 -15.31
N GLN B 32 -8.35 6.75 24.18
CA GLN B 32 -8.65 7.08 22.76
C GLN B 32 -8.78 5.87 21.84
N GLY B 33 -8.81 4.65 22.39
CA GLY B 33 -8.92 3.47 21.57
C GLY B 33 -10.32 3.11 21.09
N ASN B 34 -10.37 2.19 20.12
CA ASN B 34 -11.58 1.80 19.42
C ASN B 34 -11.68 0.27 19.55
N LYS B 35 -12.68 -0.16 20.26
CA LYS B 35 -12.87 -1.55 20.59
C LYS B 35 -13.32 -2.42 19.42
N GLU B 36 -13.61 -1.85 18.26
CA GLU B 36 -13.87 -2.63 17.08
C GLU B 36 -12.58 -3.27 16.57
N TYR B 37 -11.43 -2.82 17.03
CA TYR B 37 -10.11 -3.29 16.55
C TYR B 37 -9.36 -3.85 17.72
N GLY B 38 -8.37 -4.69 17.42
CA GLY B 38 -7.59 -5.33 18.44
C GLY B 38 -6.36 -4.49 18.83
N SER B 39 -5.42 -5.11 19.51
CA SER B 39 -4.17 -4.53 19.91
C SER B 39 -2.96 -5.22 19.26
N GLU B 40 -3.16 -6.14 18.34
CA GLU B 40 -2.10 -6.75 17.57
C GLU B 40 -2.49 -6.71 16.11
N LYS B 41 -1.51 -6.60 15.26
CA LYS B 41 -1.73 -6.62 13.79
C LYS B 41 -0.47 -6.96 13.10
N LYS B 42 -0.55 -7.77 12.07
CA LYS B 42 0.61 -8.06 11.23
C LYS B 42 0.23 -7.79 9.77
N GLY B 43 1.11 -7.15 9.02
CA GLY B 43 0.83 -6.95 7.62
C GLY B 43 1.81 -6.03 6.94
N PHE B 44 1.59 -5.83 5.66
CA PHE B 44 2.35 -4.82 4.94
C PHE B 44 1.96 -3.38 5.21
N LEU B 45 2.96 -2.47 5.30
CA LEU B 45 2.74 -1.03 5.37
C LEU B 45 3.81 -0.42 4.49
N LEU B 46 3.55 0.76 3.96
CA LEU B 46 4.61 1.51 3.25
C LEU B 46 5.38 2.32 4.24
N LYS B 47 6.70 2.31 4.12
CA LYS B 47 7.55 3.14 4.96
C LYS B 47 8.52 3.85 4.05
N LYS B 48 8.75 5.11 4.38
CA LYS B 48 9.70 5.90 3.60
C LYS B 48 11.09 5.50 4.08
N SER B 49 12.00 5.14 3.17
CA SER B 49 13.31 4.65 3.62
C SER B 49 14.15 5.81 4.18
N ASP B 50 15.15 5.43 4.96
CA ASP B 50 16.15 6.37 5.53
C ASP B 50 17.34 6.65 4.62
N GLY B 51 17.51 5.91 3.51
CA GLY B 51 18.70 6.16 2.65
C GLY B 51 18.68 7.50 1.95
N ILE B 52 19.56 7.66 0.98
CA ILE B 52 19.68 8.91 0.23
C ILE B 52 18.40 9.21 -0.59
N ARG B 53 17.87 8.16 -1.24
CA ARG B 53 16.76 8.38 -2.15
C ARG B 53 15.47 8.60 -1.34
N LYS B 54 15.47 8.20 -0.06
CA LYS B 54 14.25 8.21 0.75
C LYS B 54 13.01 7.69 0.01
N VAL B 55 13.13 6.49 -0.53
CA VAL B 55 12.14 5.96 -1.45
C VAL B 55 11.09 5.25 -0.58
N TRP B 56 9.85 5.31 -1.01
CA TRP B 56 8.79 4.51 -0.32
C TRP B 56 8.91 3.04 -0.66
N GLN B 57 8.78 2.18 0.33
CA GLN B 57 8.93 0.75 0.15
C GLN B 57 7.92 0.03 0.93
N ARG B 58 7.46 -1.09 0.42
CA ARG B 58 6.48 -1.87 1.17
C ARG B 58 7.21 -2.80 2.14
N ARG B 59 6.95 -2.75 3.42
CA ARG B 59 7.64 -3.54 4.44
C ARG B 59 6.64 -4.39 5.22
N LYS B 60 7.10 -5.51 5.77
CA LYS B 60 6.27 -6.30 6.68
C LYS B 60 6.40 -5.67 8.06
N CYS B 61 5.29 -5.42 8.73
CA CYS B 61 5.24 -4.76 10.02
C CYS B 61 4.36 -5.55 10.96
N ALA B 62 4.65 -5.52 12.25
CA ALA B 62 3.81 -6.21 13.24
C ALA B 62 3.75 -5.37 14.50
N VAL B 63 2.59 -5.30 15.14
CA VAL B 63 2.41 -4.62 16.43
C VAL B 63 1.97 -5.67 17.40
N LYS B 64 2.64 -5.77 18.53
CA LYS B 64 2.26 -6.69 19.61
C LYS B 64 2.91 -6.16 20.88
N ASN B 65 2.24 -6.25 22.04
CA ASN B 65 2.85 -5.88 23.33
C ASN B 65 3.44 -4.45 23.33
N GLY B 66 2.78 -3.54 22.64
CA GLY B 66 3.22 -2.15 22.56
C GLY B 66 4.52 -1.93 21.81
N ILE B 67 4.88 -2.88 20.95
CA ILE B 67 6.03 -2.80 20.11
C ILE B 67 5.62 -2.87 18.63
N LEU B 68 6.15 -1.96 17.83
CA LEU B 68 6.07 -2.04 16.40
C LEU B 68 7.39 -2.51 15.80
N THR B 69 7.35 -3.61 15.06
CA THR B 69 8.51 -4.20 14.37
C THR B 69 8.33 -3.93 12.88
N ILE B 70 9.36 -3.39 12.24
CA ILE B 70 9.31 -3.06 10.84
C ILE B 70 10.50 -3.71 10.14
N SER B 71 10.25 -4.55 9.15
CA SER B 71 11.38 -5.10 8.35
C SER B 71 12.21 -3.98 7.69
N HIS B 72 13.49 -4.24 7.53
CA HIS B 72 14.32 -3.34 6.72
C HIS B 72 14.19 -3.65 5.25
N ALA B 73 14.57 -2.61 4.50
CA ALA B 73 15.11 -2.73 3.17
C ALA B 73 16.58 -2.48 3.45
N THR B 74 17.42 -3.52 3.46
CA THR B 74 17.09 -4.89 3.00
C THR B 74 17.80 -5.91 3.90
N SER B 75 17.18 -7.07 4.11
CA SER B 75 17.58 -8.05 5.12
C SER B 75 18.09 -9.41 4.62
N ASN B 76 19.24 -9.92 5.09
CA ASN B 76 20.19 -9.25 6.03
C ASN B 76 19.72 -8.90 7.48
N ARG B 77 19.37 -7.62 7.73
CA ARG B 77 19.30 -6.98 9.04
C ARG B 77 18.09 -7.38 9.89
N GLN B 78 18.29 -7.37 11.20
CA GLN B 78 17.20 -7.55 12.15
C GLN B 78 16.17 -6.43 12.00
N PRO B 79 14.88 -6.74 12.08
CA PRO B 79 13.90 -5.63 11.97
C PRO B 79 14.08 -4.53 12.99
N ALA B 80 13.78 -3.29 12.62
CA ALA B 80 13.67 -2.18 13.57
C ALA B 80 12.54 -2.46 14.54
N LYS B 81 12.74 -2.07 15.79
CA LYS B 81 11.75 -2.28 16.84
C LYS B 81 11.56 -0.94 17.52
N LEU B 82 10.32 -0.46 17.55
CA LEU B 82 9.94 0.76 18.22
C LEU B 82 9.02 0.47 19.39
N ASN B 83 9.30 1.11 20.52
CA ASN B 83 8.45 0.99 21.65
C ASN B 83 7.36 2.05 21.52
N LEU B 84 6.12 1.59 21.34
CA LEU B 84 5.02 2.55 21.17
C LEU B 84 4.77 3.43 22.40
N LEU B 85 5.16 2.97 23.59
CA LEU B 85 4.95 3.76 24.80
C LEU B 85 5.84 4.97 24.84
N THR B 86 6.94 4.96 24.08
CA THR B 86 7.86 6.06 23.99
C THR B 86 7.83 6.83 22.64
N CYS B 87 6.80 6.59 21.86
CA CYS B 87 6.64 7.18 20.57
C CYS B 87 5.29 7.93 20.55
N GLN B 88 5.26 8.97 19.77
CA GLN B 88 4.04 9.67 19.49
C GLN B 88 3.57 9.21 18.09
N VAL B 89 2.30 8.94 17.97
CA VAL B 89 1.68 8.53 16.76
C VAL B 89 1.02 9.79 16.27
N LYS B 90 1.31 10.19 15.07
CA LYS B 90 0.86 11.47 14.59
C LYS B 90 0.30 11.27 13.18
N PRO B 91 -1.03 11.22 13.04
CA PRO B 91 -1.57 11.31 11.68
C PRO B 91 -0.93 12.44 10.89
N ASN B 92 -0.61 12.18 9.63
CA ASN B 92 0.17 13.12 8.83
C ASN B 92 -0.72 14.19 8.21
N ALA B 93 -0.33 15.46 8.31
CA ALA B 93 -1.18 16.60 7.91
C ALA B 93 -1.33 16.82 6.39
N GLU B 94 -0.56 16.08 5.60
CA GLU B 94 -0.59 16.18 4.15
C GLU B 94 -1.51 15.14 3.52
N ASP B 95 -1.46 13.90 3.99
CA ASP B 95 -2.08 12.75 3.31
C ASP B 95 -3.03 12.03 4.24
N LYS B 96 -4.25 11.77 3.78
CA LYS B 96 -5.29 11.13 4.60
C LYS B 96 -5.01 9.65 5.04
N LYS B 97 -4.02 8.96 4.42
CA LYS B 97 -3.60 7.59 4.76
C LYS B 97 -2.23 7.50 5.45
N SER B 98 -1.61 8.62 5.71
CA SER B 98 -0.23 8.65 6.19
C SER B 98 -0.20 8.91 7.68
N PHE B 99 0.81 8.39 8.34
CA PHE B 99 1.03 8.69 9.74
C PHE B 99 2.50 8.56 10.07
N ASP B 100 2.92 9.30 11.08
CA ASP B 100 4.30 9.31 11.51
C ASP B 100 4.39 8.73 12.91
N LEU B 101 5.51 8.10 13.19
CA LEU B 101 5.86 7.73 14.55
C LEU B 101 7.07 8.51 14.90
N ILE B 102 6.98 9.23 16.00
CA ILE B 102 8.03 10.14 16.42
C ILE B 102 8.57 9.59 17.72
N SER B 103 9.83 9.17 17.69
CA SER B 103 10.55 8.70 18.88
C SER B 103 11.32 9.89 19.41
N HIS B 104 12.04 9.71 20.53
CA HIS B 104 12.86 10.80 21.10
C HIS B 104 13.81 11.41 20.06
N ASN B 105 14.23 10.54 19.17
CA ASN B 105 15.36 10.67 18.33
C ASN B 105 15.04 10.91 16.84
N ARG B 106 13.91 10.39 16.37
CA ARG B 106 13.75 10.09 14.97
C ARG B 106 12.26 10.07 14.59
N THR B 107 11.96 10.44 13.34
CA THR B 107 10.64 10.40 12.78
C THR B 107 10.57 9.33 11.68
N TYR B 108 9.58 8.45 11.80
CA TYR B 108 9.39 7.37 10.87
C TYR B 108 8.10 7.70 10.13
N HIS B 109 8.13 7.60 8.81
CA HIS B 109 6.95 7.94 8.01
C HIS B 109 6.32 6.70 7.40
N PHE B 110 5.04 6.53 7.65
CA PHE B 110 4.30 5.39 7.15
C PHE B 110 3.11 5.80 6.33
N GLN B 111 2.64 4.88 5.50
CA GLN B 111 1.43 5.10 4.72
C GLN B 111 0.70 3.75 4.64
N ALA B 112 -0.56 3.78 5.00
CA ALA B 112 -1.42 2.59 4.85
C ALA B 112 -1.88 2.49 3.41
N GLU B 113 -2.34 1.31 3.05
CA GLU B 113 -2.69 1.02 1.65
C GLU B 113 -4.08 1.45 1.25
N ASP B 114 -4.96 1.71 2.19
CA ASP B 114 -6.23 2.35 1.87
C ASP B 114 -6.83 2.90 3.15
N GLU B 115 -7.99 3.55 3.07
CA GLU B 115 -8.51 4.26 4.23
C GLU B 115 -8.96 3.28 5.29
N GLN B 116 -9.50 2.14 4.90
CA GLN B 116 -9.86 1.08 5.89
C GLN B 116 -8.61 0.58 6.64
N ASP B 117 -7.55 0.34 5.92
CA ASP B 117 -6.30 -0.13 6.51
C ASP B 117 -5.69 0.97 7.42
N TYR B 118 -5.84 2.23 7.02
CA TYR B 118 -5.36 3.38 7.79
C TYR B 118 -6.06 3.39 9.15
N ILE B 119 -7.35 3.21 9.15
CA ILE B 119 -8.14 3.23 10.38
C ILE B 119 -7.74 2.07 11.27
N ALA B 120 -7.53 0.91 10.63
CA ALA B 120 -7.09 -0.28 11.36
C ALA B 120 -5.73 -0.10 12.02
N TRP B 121 -4.75 0.38 11.26
CA TRP B 121 -3.41 0.63 11.81
C TRP B 121 -3.45 1.65 12.93
N ILE B 122 -4.06 2.79 12.76
CA ILE B 122 -4.02 3.79 13.83
C ILE B 122 -4.77 3.27 15.08
N SER B 123 -5.87 2.55 14.84
CA SER B 123 -6.62 2.02 15.96
C SER B 123 -5.80 1.01 16.71
N VAL B 124 -5.20 0.06 16.00
CA VAL B 124 -4.44 -1.00 16.63
C VAL B 124 -3.22 -0.44 17.39
N LEU B 125 -2.52 0.54 16.80
CA LEU B 125 -1.42 1.19 17.47
C LEU B 125 -1.86 1.87 18.76
N THR B 126 -2.96 2.60 18.73
CA THR B 126 -3.47 3.27 19.92
C THR B 126 -3.92 2.29 20.97
N ASN B 127 -4.63 1.24 20.53
CA ASN B 127 -5.02 0.17 21.47
C ASN B 127 -3.79 -0.54 22.12
N SER B 128 -2.79 -0.85 21.30
CA SER B 128 -1.61 -1.51 21.78
C SER B 128 -0.92 -0.64 22.85
N LYS B 129 -0.80 0.63 22.56
CA LYS B 129 -0.20 1.59 23.47
C LYS B 129 -0.98 1.69 24.80
N GLU B 130 -2.30 1.80 24.73
CA GLU B 130 -3.12 1.87 25.93
C GLU B 130 -3.12 0.64 26.77
N GLU B 131 -3.18 -0.50 26.12
CA GLU B 131 -3.01 -1.79 26.80
C GLU B 131 -1.67 -1.88 27.61
N ALA B 132 -0.59 -1.58 26.91
CA ALA B 132 0.73 -1.59 27.51
C ALA B 132 0.83 -0.53 28.63
N LEU B 133 0.33 0.69 28.40
CA LEU B 133 0.33 1.74 29.43
C LEU B 133 -0.35 1.34 30.67
N THR B 134 -1.48 0.65 30.53
CA THR B 134 -2.23 0.11 31.62
C THR B 134 -1.43 -0.87 32.45
N MET B 135 -0.72 -1.78 31.79
CA MET B 135 0.24 -2.65 32.50
C MET B 135 1.37 -1.86 33.18
N ALA B 136 2.01 -0.93 32.48
CA ALA B 136 3.10 -0.15 33.07
C ALA B 136 2.65 0.67 34.29
N PHE B 137 1.51 1.35 34.21
CA PHE B 137 0.90 2.11 35.35
C PHE B 137 0.38 1.20 36.46
N ARG B 138 0.09 -0.05 36.14
CA ARG B 138 -0.22 -1.03 37.17
C ARG B 138 0.93 -1.34 38.14
N GLY B 139 2.18 -1.39 37.65
CA GLY B 139 3.33 -1.74 38.51
C GLY B 139 3.72 -0.53 39.34
#